data_9GY8
#
_entry.id   9GY8
#
_cell.length_a   65.457
_cell.length_b   65.457
_cell.length_c   262.257
_cell.angle_alpha   90.00
_cell.angle_beta   90.00
_cell.angle_gamma   120.00
#
_symmetry.space_group_name_H-M   'P 65 2 2'
#
loop_
_entity.id
_entity.type
_entity.pdbx_description
1 polymer 'Vitamin D3 receptor A'
2 polymer 'Nuclear receptor coactivator 2'
3 non-polymer (1~{R},3~{S},5~{Z})-5-[(2~{E})-2-[(1~{R},3~{a}~{S},7~{a}~{R})-7~{a}-methyl-1-[(2~{R})-5-trimethylsilylpentan-2-yl]-2,3,3~{a},5,6,7-hexahydro-1~{H}-inden-4-ylidene]ethylidene]-4-methylidene-cyclohexane-1,3-diol
4 water water
#
loop_
_entity_poly.entity_id
_entity_poly.type
_entity_poly.pdbx_seq_one_letter_code
_entity_poly.pdbx_strand_id
1 'polypeptide(L)'
;GSHMLSDEQMQIINSLVEAHHKTYDDSYSDFVRFRPPVREGPVTRSASRAASLHSLSDASSDSFNHSPESVDTKLNFSNL
LMMYQDSGSPDSSEEDQQSRLSMLPHLADLVSYSIQKVIGFAKMIPGFRDLTAEDQIALLKSSAIEIIMLRSNQSFSLED
MSWSCGGPDFKYCINDVTKAGHTLELLEPLVKFQVGLKKLKLHEEEHVLLMAICLLSPDRPGVQDHVRIEALQDRLCDVL
QAYIRIQHPGGRLLYAKMIQKLADLRSLNEEHSKQYRSLSFQPEHSMQLTPLVLEVFGSEVS
;
A
2 'polypeptide(L)' KHKILHRLLQDSS B
#
# COMPACT_ATOMS: atom_id res chain seq x y z
N HIS A 3 -16.69 -12.91 -22.74
CA HIS A 3 -16.45 -14.15 -21.99
C HIS A 3 -15.01 -14.61 -22.15
N MET A 4 -14.10 -13.63 -22.29
CA MET A 4 -12.69 -13.83 -22.59
C MET A 4 -11.92 -12.51 -22.50
N LEU A 5 -10.71 -12.54 -21.94
CA LEU A 5 -9.90 -11.34 -21.78
C LEU A 5 -9.17 -11.00 -23.09
N SER A 6 -8.84 -9.72 -23.26
CA SER A 6 -8.09 -9.31 -24.44
C SER A 6 -6.61 -9.65 -24.27
N ASP A 7 -5.83 -9.43 -25.33
CA ASP A 7 -4.38 -9.47 -25.20
C ASP A 7 -3.91 -8.35 -24.28
N GLU A 8 -4.23 -7.10 -24.66
CA GLU A 8 -3.87 -5.96 -23.83
C GLU A 8 -4.40 -6.14 -22.41
N GLN A 9 -5.53 -6.84 -22.26
CA GLN A 9 -5.94 -7.27 -20.93
C GLN A 9 -4.88 -8.17 -20.31
N MET A 10 -4.63 -9.35 -20.89
CA MET A 10 -3.73 -10.28 -20.22
C MET A 10 -2.31 -9.71 -20.06
N GLN A 11 -1.90 -8.79 -20.94
CA GLN A 11 -0.62 -8.11 -20.77
C GLN A 11 -0.62 -7.32 -19.46
N ILE A 12 -1.68 -6.55 -19.22
CA ILE A 12 -1.77 -5.75 -17.99
C ILE A 12 -1.63 -6.64 -16.78
N ILE A 13 -2.31 -7.77 -16.78
CA ILE A 13 -2.17 -8.71 -15.66
C ILE A 13 -0.74 -9.22 -15.57
N ASN A 14 -0.17 -9.63 -16.69
CA ASN A 14 1.19 -10.15 -16.68
C ASN A 14 2.16 -9.13 -16.14
N SER A 15 2.08 -7.89 -16.63
CA SER A 15 3.10 -6.93 -16.22
C SER A 15 2.90 -6.54 -14.75
N LEU A 16 1.66 -6.39 -14.31
CA LEU A 16 1.39 -6.11 -12.91
C LEU A 16 1.86 -7.25 -12.01
N VAL A 17 1.55 -8.49 -12.38
CA VAL A 17 1.87 -9.62 -11.51
C VAL A 17 3.39 -9.77 -11.38
N GLU A 18 4.10 -9.61 -12.49
CA GLU A 18 5.55 -9.66 -12.45
C GLU A 18 6.12 -8.51 -11.61
N ALA A 19 5.57 -7.31 -11.77
CA ALA A 19 5.99 -6.16 -10.97
C ALA A 19 5.87 -6.45 -9.47
N HIS A 20 4.81 -7.16 -9.07
CA HIS A 20 4.64 -7.50 -7.67
C HIS A 20 5.70 -8.49 -7.22
N HIS A 21 5.94 -9.53 -8.02
CA HIS A 21 6.94 -10.52 -7.61
C HIS A 21 8.30 -9.88 -7.42
N LYS A 22 8.61 -8.87 -8.22
CA LYS A 22 9.92 -8.23 -8.18
C LYS A 22 10.08 -7.32 -6.97
N THR A 23 8.98 -6.90 -6.35
CA THR A 23 9.00 -5.91 -5.28
C THR A 23 8.39 -6.42 -3.98
N TYR A 24 8.18 -7.73 -3.84
CA TYR A 24 7.66 -8.29 -2.59
C TYR A 24 8.32 -9.63 -2.32
N ASP A 25 9.13 -9.67 -1.26
CA ASP A 25 9.81 -10.89 -0.80
C ASP A 25 8.93 -11.60 0.21
N ASP A 26 8.46 -12.80 -0.16
CA ASP A 26 7.67 -13.62 0.76
C ASP A 26 8.46 -14.14 1.95
N SER A 27 9.79 -14.09 1.92
CA SER A 27 10.60 -14.54 3.06
C SER A 27 10.93 -13.43 4.05
N TYR A 28 10.70 -12.17 3.68
CA TYR A 28 10.97 -11.03 4.56
C TYR A 28 12.38 -11.09 5.11
N SER A 29 13.34 -11.33 4.21
CA SER A 29 14.70 -11.66 4.58
C SER A 29 15.61 -10.44 4.67
N ASP A 30 15.16 -9.30 4.19
CA ASP A 30 15.84 -8.02 4.32
C ASP A 30 15.49 -7.30 5.61
N PHE A 31 14.60 -7.88 6.41
CA PHE A 31 14.16 -7.21 7.63
C PHE A 31 15.30 -7.14 8.65
N VAL A 32 16.27 -8.05 8.57
CA VAL A 32 17.36 -8.05 9.53
C VAL A 32 18.18 -6.76 9.42
N ARG A 33 18.07 -6.05 8.29
CA ARG A 33 18.79 -4.80 8.13
C ARG A 33 18.10 -3.60 8.76
N PHE A 34 16.83 -3.72 9.16
CA PHE A 34 16.15 -2.66 9.88
C PHE A 34 16.72 -2.53 11.30
N ARG A 35 16.56 -1.34 11.90
CA ARG A 35 16.77 -1.25 13.34
C ARG A 35 15.88 -2.30 14.02
N PRO A 36 16.40 -3.05 14.96
CA PRO A 36 15.64 -4.16 15.55
C PRO A 36 14.36 -3.68 16.21
N PRO A 37 13.36 -4.55 16.32
CA PRO A 37 12.18 -4.22 17.13
C PRO A 37 12.52 -4.24 18.62
N VAL A 38 11.76 -3.47 19.39
CA VAL A 38 11.91 -3.45 20.84
C VAL A 38 10.55 -3.37 21.49
N ARG A 39 10.29 -4.26 22.43
CA ARG A 39 9.03 -4.27 23.15
C ARG A 39 9.22 -4.17 24.67
N ARG A 100 7.23 6.93 25.06
CA ARG A 100 8.22 5.88 24.83
C ARG A 100 8.41 5.55 23.35
N LEU A 101 7.50 4.73 22.80
CA LEU A 101 7.48 4.28 21.41
C LEU A 101 8.69 3.43 21.03
N SER A 102 8.89 2.34 21.78
CA SER A 102 9.98 1.41 21.55
C SER A 102 9.98 0.82 20.14
N MET A 103 8.80 0.65 19.50
CA MET A 103 8.78 0.00 18.19
C MET A 103 8.87 0.98 17.03
N LEU A 104 8.92 2.28 17.31
CA LEU A 104 8.99 3.25 16.23
C LEU A 104 10.21 3.10 15.32
N PRO A 105 11.43 2.87 15.82
CA PRO A 105 12.56 2.74 14.88
C PRO A 105 12.42 1.57 13.91
N HIS A 106 12.10 0.37 14.41
CA HIS A 106 11.97 -0.78 13.52
C HIS A 106 10.87 -0.57 12.49
N LEU A 107 9.68 -0.15 12.95
CA LEU A 107 8.56 -0.01 12.00
C LEU A 107 8.79 1.14 11.02
N ALA A 108 9.42 2.23 11.44
CA ALA A 108 9.76 3.30 10.51
C ALA A 108 10.60 2.76 9.37
N ASP A 109 11.58 1.90 9.69
CA ASP A 109 12.38 1.27 8.64
C ASP A 109 11.55 0.30 7.83
N LEU A 110 10.66 -0.46 8.50
CA LEU A 110 9.77 -1.35 7.77
C LEU A 110 9.05 -0.58 6.67
N VAL A 111 8.40 0.52 7.07
CA VAL A 111 7.61 1.33 6.16
C VAL A 111 8.50 1.93 5.07
N SER A 112 9.68 2.43 5.45
CA SER A 112 10.52 3.10 4.45
C SER A 112 10.97 2.10 3.39
N TYR A 113 11.43 0.94 3.83
CA TYR A 113 11.70 -0.14 2.89
C TYR A 113 10.49 -0.40 2.01
N SER A 114 9.29 -0.39 2.60
CA SER A 114 8.07 -0.68 1.85
C SER A 114 7.77 0.40 0.82
N ILE A 115 7.92 1.66 1.21
CA ILE A 115 7.72 2.75 0.25
C ILE A 115 8.64 2.56 -0.96
N GLN A 116 9.91 2.18 -0.71
CA GLN A 116 10.82 1.91 -1.82
C GLN A 116 10.23 0.86 -2.76
N LYS A 117 9.59 -0.17 -2.19
CA LYS A 117 8.99 -1.23 -3.02
C LYS A 117 7.76 -0.75 -3.76
N VAL A 118 6.90 0.03 -3.08
CA VAL A 118 5.67 0.51 -3.71
C VAL A 118 5.98 1.41 -4.88
N ILE A 119 7.11 2.12 -4.82
CA ILE A 119 7.59 2.93 -5.93
C ILE A 119 8.02 2.04 -7.08
N GLY A 120 8.73 0.94 -6.78
CA GLY A 120 9.12 0.01 -7.82
C GLY A 120 7.92 -0.60 -8.54
N PHE A 121 6.92 -1.05 -7.78
CA PHE A 121 5.68 -1.56 -8.36
C PHE A 121 5.04 -0.50 -9.25
N ALA A 122 4.86 0.69 -8.70
CA ALA A 122 4.20 1.80 -9.40
C ALA A 122 4.80 2.03 -10.77
N LYS A 123 6.13 2.09 -10.84
CA LYS A 123 6.86 2.41 -12.07
C LYS A 123 6.59 1.42 -13.18
N MET A 124 6.16 0.21 -12.85
CA MET A 124 5.85 -0.81 -13.85
C MET A 124 4.34 -0.95 -14.11
N ILE A 125 3.51 -0.19 -13.43
CA ILE A 125 2.10 -0.14 -13.86
C ILE A 125 2.04 0.51 -15.23
N PRO A 126 1.42 -0.12 -16.23
CA PRO A 126 1.39 0.51 -17.56
C PRO A 126 0.68 1.86 -17.51
N GLY A 127 1.26 2.84 -18.20
CA GLY A 127 0.81 4.22 -18.16
C GLY A 127 1.50 5.10 -17.13
N PHE A 128 1.65 4.57 -15.90
CA PHE A 128 2.20 5.36 -14.79
C PHE A 128 3.48 6.07 -15.20
N ARG A 129 4.39 5.35 -15.86
CA ARG A 129 5.67 5.92 -16.29
C ARG A 129 5.49 7.22 -17.05
N ASP A 130 4.43 7.33 -17.85
CA ASP A 130 4.21 8.46 -18.75
C ASP A 130 3.47 9.62 -18.10
N LEU A 131 2.91 9.44 -16.91
CA LEU A 131 2.43 10.57 -16.13
C LEU A 131 3.59 11.53 -15.83
N THR A 132 3.26 12.79 -15.57
CA THR A 132 4.29 13.74 -15.18
C THR A 132 4.91 13.35 -13.83
N ALA A 133 6.16 13.77 -13.61
CA ALA A 133 6.81 13.48 -12.34
C ALA A 133 5.97 13.99 -11.18
N GLU A 134 5.29 15.12 -11.39
CA GLU A 134 4.45 15.70 -10.34
C GLU A 134 3.23 14.84 -10.05
N ASP A 135 2.58 14.28 -11.08
CA ASP A 135 1.43 13.40 -10.84
C ASP A 135 1.87 12.09 -10.20
N GLN A 136 3.05 11.59 -10.57
CA GLN A 136 3.52 10.36 -9.94
C GLN A 136 3.72 10.58 -8.45
N ILE A 137 4.33 11.71 -8.09
CA ILE A 137 4.62 12.04 -6.70
C ILE A 137 3.32 12.23 -5.92
N ALA A 138 2.41 13.03 -6.49
CA ALA A 138 1.10 13.26 -5.87
C ALA A 138 0.38 11.94 -5.58
N LEU A 139 0.41 10.99 -6.52
CA LEU A 139 -0.33 9.73 -6.29
C LEU A 139 0.38 8.88 -5.26
N LEU A 140 1.71 8.82 -5.35
CA LEU A 140 2.49 8.07 -4.35
C LEU A 140 2.34 8.68 -2.97
N LYS A 141 2.46 10.00 -2.85
CA LYS A 141 2.40 10.59 -1.52
C LYS A 141 1.03 10.35 -0.87
N SER A 142 -0.04 10.59 -1.62
CA SER A 142 -1.39 10.39 -1.05
C SER A 142 -1.76 8.91 -0.88
N SER A 143 -1.17 7.98 -1.64
CA SER A 143 -1.67 6.61 -1.57
C SER A 143 -0.70 5.60 -0.99
N ALA A 144 0.56 5.97 -0.79
CA ALA A 144 1.56 5.04 -0.30
C ALA A 144 1.07 4.25 0.91
N ILE A 145 0.45 4.94 1.88
CA ILE A 145 0.03 4.22 3.08
C ILE A 145 -1.03 3.19 2.74
N GLU A 146 -1.83 3.46 1.72
CA GLU A 146 -2.87 2.52 1.33
C GLU A 146 -2.28 1.28 0.66
N ILE A 147 -1.31 1.48 -0.24
CA ILE A 147 -0.68 0.32 -0.87
C ILE A 147 0.07 -0.50 0.17
N ILE A 148 0.63 0.14 1.18
CA ILE A 148 1.31 -0.61 2.22
C ILE A 148 0.31 -1.46 3.01
N MET A 149 -0.78 -0.83 3.45
CA MET A 149 -1.86 -1.58 4.11
C MET A 149 -2.36 -2.72 3.22
N LEU A 150 -2.43 -2.46 1.93
CA LEU A 150 -2.84 -3.47 0.97
C LEU A 150 -1.84 -4.61 0.90
N ARG A 151 -0.58 -4.30 0.56
CA ARG A 151 0.43 -5.33 0.38
C ARG A 151 0.72 -6.10 1.66
N SER A 152 0.50 -5.48 2.81
CA SER A 152 0.69 -6.21 4.05
C SER A 152 -0.30 -7.37 4.22
N ASN A 153 -1.45 -7.34 3.53
CA ASN A 153 -2.38 -8.46 3.71
C ASN A 153 -1.69 -9.79 3.41
N GLN A 154 -0.74 -9.81 2.49
CA GLN A 154 0.00 -11.03 2.15
C GLN A 154 0.86 -11.53 3.31
N SER A 155 1.12 -10.71 4.34
CA SER A 155 1.82 -11.21 5.53
C SER A 155 0.88 -11.42 6.71
N PHE A 156 -0.37 -10.97 6.60
CA PHE A 156 -1.29 -11.02 7.72
C PHE A 156 -1.82 -12.43 7.92
N SER A 157 -1.87 -12.87 9.17
CA SER A 157 -2.28 -14.23 9.50
C SER A 157 -3.60 -14.22 10.26
N LEU A 158 -4.61 -14.90 9.71
CA LEU A 158 -5.87 -15.05 10.41
C LEU A 158 -5.71 -15.91 11.66
N GLU A 159 -4.73 -16.82 11.65
CA GLU A 159 -4.36 -17.57 12.84
C GLU A 159 -4.16 -16.65 14.05
N ASP A 160 -3.28 -15.65 13.88
CA ASP A 160 -2.71 -14.89 14.98
C ASP A 160 -3.28 -13.49 15.14
N MET A 161 -3.93 -12.95 14.11
CA MET A 161 -4.28 -11.53 14.03
C MET A 161 -3.01 -10.68 14.10
N SER A 162 -2.00 -11.10 13.36
CA SER A 162 -0.76 -10.36 13.32
C SER A 162 -0.11 -10.54 11.95
N TRP A 163 0.71 -9.58 11.57
CA TRP A 163 1.53 -9.72 10.37
C TRP A 163 2.76 -10.55 10.75
N SER A 164 2.85 -11.78 10.22
CA SER A 164 3.91 -12.71 10.59
C SER A 164 4.97 -12.70 9.50
N CYS A 165 5.95 -11.81 9.64
CA CYS A 165 7.05 -11.73 8.71
C CYS A 165 8.26 -12.55 9.13
N GLY A 166 8.21 -13.14 10.32
CA GLY A 166 9.33 -13.92 10.80
C GLY A 166 8.96 -14.68 12.04
N GLY A 167 9.93 -14.88 12.91
CA GLY A 167 9.68 -15.47 14.21
C GLY A 167 9.08 -14.43 15.13
N PRO A 168 9.31 -14.59 16.43
CA PRO A 168 8.71 -13.65 17.41
C PRO A 168 9.10 -12.19 17.21
N ASP A 169 10.12 -11.90 16.39
CA ASP A 169 10.61 -10.52 16.27
C ASP A 169 9.81 -9.73 15.25
N PHE A 170 9.70 -10.26 14.03
CA PHE A 170 9.00 -9.64 12.91
C PHE A 170 7.55 -10.10 12.82
N LYS A 171 7.04 -10.69 13.88
CA LYS A 171 5.62 -10.94 14.04
C LYS A 171 5.04 -9.73 14.75
N TYR A 172 4.07 -9.05 14.12
CA TYR A 172 3.62 -7.75 14.62
C TYR A 172 2.18 -7.82 15.15
N CYS A 173 2.06 -8.00 16.47
CA CYS A 173 0.85 -7.76 17.24
C CYS A 173 0.28 -6.37 16.98
N ILE A 174 -0.98 -6.16 17.33
CA ILE A 174 -1.49 -4.79 17.40
C ILE A 174 -0.78 -4.01 18.48
N ASN A 175 -0.31 -4.71 19.52
CA ASN A 175 0.36 -4.06 20.63
C ASN A 175 1.71 -3.49 20.21
N ASP A 176 2.33 -4.07 19.18
CA ASP A 176 3.58 -3.52 18.68
C ASP A 176 3.37 -2.16 18.04
N VAL A 177 2.29 -2.02 17.26
CA VAL A 177 2.09 -0.79 16.51
C VAL A 177 1.62 0.34 17.41
N THR A 178 0.98 0.00 18.53
CA THR A 178 0.77 1.02 19.56
C THR A 178 2.10 1.66 19.97
N LYS A 179 3.14 0.83 20.16
CA LYS A 179 4.47 1.24 20.59
C LYS A 179 5.25 1.89 19.50
N ALA A 180 4.53 2.23 18.43
CA ALA A 180 5.04 3.15 17.43
C ALA A 180 4.18 4.41 17.38
N GLY A 181 3.32 4.60 18.37
CA GLY A 181 2.50 5.81 18.48
C GLY A 181 1.20 5.81 17.70
N HIS A 182 0.49 4.69 17.66
CA HIS A 182 -0.80 4.61 16.98
C HIS A 182 -1.84 4.13 17.99
N THR A 183 -2.99 4.80 18.03
CA THR A 183 -4.03 4.39 18.96
C THR A 183 -4.94 3.37 18.30
N LEU A 184 -5.80 2.78 19.13
CA LEU A 184 -6.73 1.77 18.66
C LEU A 184 -7.74 2.32 17.68
N GLU A 185 -8.03 3.62 17.75
CA GLU A 185 -8.99 4.22 16.82
C GLU A 185 -8.50 4.10 15.39
N LEU A 186 -7.29 3.57 15.21
CA LEU A 186 -6.71 3.27 13.90
C LEU A 186 -6.47 1.78 13.74
N LEU A 187 -5.86 1.14 14.74
CA LEU A 187 -5.47 -0.26 14.62
C LEU A 187 -6.68 -1.18 14.64
N GLU A 188 -7.76 -0.76 15.33
CA GLU A 188 -8.96 -1.57 15.34
C GLU A 188 -9.53 -1.72 13.92
N PRO A 189 -9.96 -0.64 13.23
CA PRO A 189 -10.44 -0.86 11.85
C PRO A 189 -9.34 -1.32 10.90
N LEU A 190 -8.07 -1.04 11.20
CA LEU A 190 -6.99 -1.58 10.39
C LEU A 190 -7.04 -3.10 10.35
N VAL A 191 -7.23 -3.72 11.51
CA VAL A 191 -7.27 -5.17 11.57
C VAL A 191 -8.59 -5.73 11.05
N LYS A 192 -9.70 -5.01 11.24
CA LYS A 192 -10.94 -5.46 10.59
C LYS A 192 -10.77 -5.44 9.07
N PHE A 193 -10.21 -4.35 8.54
CA PHE A 193 -9.86 -4.32 7.12
C PHE A 193 -9.01 -5.54 6.73
N GLN A 194 -7.94 -5.82 7.50
CA GLN A 194 -7.07 -6.93 7.13
C GLN A 194 -7.82 -8.27 7.14
N VAL A 195 -8.58 -8.56 8.20
CA VAL A 195 -9.29 -9.85 8.24
C VAL A 195 -10.31 -9.92 7.11
N GLY A 196 -11.03 -8.82 6.84
CA GLY A 196 -11.95 -8.82 5.72
C GLY A 196 -11.24 -9.12 4.41
N LEU A 197 -10.19 -8.35 4.11
CA LEU A 197 -9.39 -8.57 2.91
C LEU A 197 -8.86 -9.99 2.83
N LYS A 198 -8.44 -10.57 3.96
CA LYS A 198 -7.98 -11.95 3.91
C LYS A 198 -9.14 -12.89 3.56
N LYS A 199 -10.34 -12.64 4.11
CA LYS A 199 -11.49 -13.52 3.82
C LYS A 199 -11.79 -13.57 2.33
N LEU A 200 -11.62 -12.46 1.62
CA LEU A 200 -11.88 -12.40 0.18
C LEU A 200 -11.02 -13.36 -0.65
N LYS A 201 -10.04 -14.05 -0.04
CA LYS A 201 -9.14 -14.99 -0.71
C LYS A 201 -8.84 -14.61 -2.15
N LEU A 202 -8.22 -13.44 -2.31
CA LEU A 202 -7.90 -12.90 -3.62
C LEU A 202 -6.87 -13.74 -4.34
N HIS A 203 -7.09 -13.89 -5.66
CA HIS A 203 -6.04 -14.33 -6.56
C HIS A 203 -4.93 -13.29 -6.61
N GLU A 204 -3.70 -13.76 -6.81
CA GLU A 204 -2.57 -12.86 -7.06
C GLU A 204 -2.93 -11.81 -8.10
N GLU A 205 -3.66 -12.24 -9.14
CA GLU A 205 -4.06 -11.35 -10.21
C GLU A 205 -4.96 -10.25 -9.69
N GLU A 206 -5.79 -10.55 -8.69
CA GLU A 206 -6.70 -9.54 -8.15
C GLU A 206 -5.99 -8.61 -7.16
N HIS A 207 -5.28 -9.17 -6.19
CA HIS A 207 -4.48 -8.36 -5.26
C HIS A 207 -3.62 -7.33 -5.99
N VAL A 208 -2.85 -7.80 -6.96
CA VAL A 208 -2.02 -6.91 -7.76
C VAL A 208 -2.87 -5.83 -8.44
N LEU A 209 -4.03 -6.22 -9.04
CA LEU A 209 -4.89 -5.25 -9.69
C LEU A 209 -5.49 -4.28 -8.69
N LEU A 210 -5.88 -4.79 -7.51
CA LEU A 210 -6.45 -3.90 -6.51
C LEU A 210 -5.43 -2.83 -6.09
N MET A 211 -4.14 -3.21 -5.94
CA MET A 211 -3.10 -2.24 -5.61
C MET A 211 -2.96 -1.19 -6.70
N ALA A 212 -3.03 -1.61 -7.96
CA ALA A 212 -2.83 -0.68 -9.07
C ALA A 212 -3.99 0.29 -9.17
N ILE A 213 -5.22 -0.23 -9.04
CA ILE A 213 -6.41 0.61 -9.07
C ILE A 213 -6.36 1.62 -7.93
N CYS A 214 -5.92 1.18 -6.74
CA CYS A 214 -5.83 2.09 -5.61
C CYS A 214 -4.84 3.21 -5.89
N LEU A 215 -3.73 2.86 -6.54
CA LEU A 215 -2.70 3.85 -6.83
C LEU A 215 -3.18 4.86 -7.86
N LEU A 216 -3.93 4.40 -8.88
CA LEU A 216 -4.32 5.28 -9.98
C LEU A 216 -5.62 6.02 -9.71
N SER A 217 -5.95 6.29 -8.46
CA SER A 217 -7.16 7.05 -8.17
C SER A 217 -7.00 8.52 -8.59
N PRO A 218 -7.94 9.10 -9.34
CA PRO A 218 -7.83 10.54 -9.65
C PRO A 218 -8.18 11.43 -8.46
N ASP A 219 -8.94 10.93 -7.50
CA ASP A 219 -9.48 11.75 -6.40
C ASP A 219 -8.48 11.83 -5.25
N ARG A 220 -7.29 12.32 -5.57
CA ARG A 220 -6.27 12.48 -4.56
C ARG A 220 -5.72 13.90 -4.62
N PRO A 221 -5.40 14.48 -3.46
CA PRO A 221 -4.91 15.86 -3.44
C PRO A 221 -3.65 16.01 -4.29
N GLY A 222 -3.61 17.07 -5.10
CA GLY A 222 -2.44 17.39 -5.86
C GLY A 222 -2.39 16.87 -7.28
N VAL A 223 -3.23 15.89 -7.64
CA VAL A 223 -3.21 15.39 -9.02
C VAL A 223 -3.61 16.52 -9.95
N GLN A 224 -2.99 16.57 -11.12
CA GLN A 224 -3.24 17.61 -12.11
C GLN A 224 -3.96 17.08 -13.33
N ASP A 225 -3.54 15.92 -13.84
CA ASP A 225 -4.22 15.28 -14.97
C ASP A 225 -5.15 14.18 -14.46
N HIS A 226 -6.25 14.62 -13.87
CA HIS A 226 -7.23 13.70 -13.32
C HIS A 226 -7.97 12.94 -14.41
N VAL A 227 -8.06 13.48 -15.62
CA VAL A 227 -8.71 12.75 -16.71
C VAL A 227 -7.81 11.62 -17.23
N ARG A 228 -6.51 11.85 -17.42
CA ARG A 228 -5.67 10.75 -17.87
C ARG A 228 -5.55 9.68 -16.81
N ILE A 229 -5.44 10.10 -15.55
CA ILE A 229 -5.32 9.14 -14.46
C ILE A 229 -6.58 8.30 -14.37
N GLU A 230 -7.73 8.95 -14.34
CA GLU A 230 -8.99 8.21 -14.26
C GLU A 230 -9.13 7.25 -15.43
N ALA A 231 -8.69 7.67 -16.63
CA ALA A 231 -8.75 6.77 -17.78
C ALA A 231 -7.84 5.57 -17.60
N LEU A 232 -6.72 5.72 -16.87
CA LEU A 232 -5.90 4.55 -16.53
C LEU A 232 -6.60 3.69 -15.48
N GLN A 233 -7.10 4.31 -14.41
CA GLN A 233 -7.84 3.55 -13.41
C GLN A 233 -9.00 2.78 -14.06
N ASP A 234 -9.75 3.44 -14.96
CA ASP A 234 -10.85 2.78 -15.66
C ASP A 234 -10.39 1.50 -16.36
N ARG A 235 -9.34 1.60 -17.19
CA ARG A 235 -8.80 0.44 -17.89
C ARG A 235 -8.53 -0.71 -16.93
N LEU A 236 -8.00 -0.40 -15.74
CA LEU A 236 -7.64 -1.46 -14.80
C LEU A 236 -8.87 -2.08 -14.15
N CYS A 237 -9.83 -1.26 -13.71
CA CYS A 237 -11.12 -1.78 -13.27
C CYS A 237 -11.75 -2.71 -14.30
N ASP A 238 -11.74 -2.33 -15.59
CA ASP A 238 -12.26 -3.21 -16.64
C ASP A 238 -11.53 -4.55 -16.64
N VAL A 239 -10.23 -4.52 -16.33
CA VAL A 239 -9.43 -5.74 -16.27
C VAL A 239 -9.89 -6.61 -15.10
N LEU A 240 -10.10 -5.99 -13.94
CA LEU A 240 -10.49 -6.75 -12.75
C LEU A 240 -11.91 -7.32 -12.90
N GLN A 241 -12.83 -6.51 -13.43
CA GLN A 241 -14.18 -7.00 -13.68
C GLN A 241 -14.16 -8.19 -14.60
N ALA A 242 -13.47 -8.05 -15.74
CA ALA A 242 -13.37 -9.13 -16.71
C ALA A 242 -12.62 -10.33 -16.13
N TYR A 243 -11.49 -10.09 -15.44
CA TYR A 243 -10.74 -11.22 -14.90
C TYR A 243 -11.61 -12.03 -13.96
N ILE A 244 -12.40 -11.37 -13.12
CA ILE A 244 -13.21 -12.08 -12.15
C ILE A 244 -14.37 -12.79 -12.86
N ARG A 245 -15.05 -12.06 -13.76
CA ARG A 245 -16.10 -12.64 -14.58
C ARG A 245 -15.67 -13.98 -15.16
N ILE A 246 -14.51 -14.01 -15.82
CA ILE A 246 -14.06 -15.19 -16.54
C ILE A 246 -13.31 -16.15 -15.63
N GLN A 247 -12.36 -15.65 -14.84
CA GLN A 247 -11.41 -16.54 -14.19
C GLN A 247 -11.77 -16.88 -12.73
N HIS A 248 -12.66 -16.15 -12.07
CA HIS A 248 -12.90 -16.47 -10.66
C HIS A 248 -14.30 -17.06 -10.45
N PRO A 249 -14.42 -18.38 -10.29
CA PRO A 249 -15.73 -19.00 -10.06
C PRO A 249 -16.34 -18.57 -8.73
N GLY A 250 -17.66 -18.44 -8.72
CA GLY A 250 -18.36 -17.93 -7.55
C GLY A 250 -18.05 -16.49 -7.20
N GLY A 251 -17.33 -15.75 -8.04
CA GLY A 251 -16.98 -14.39 -7.72
C GLY A 251 -17.88 -13.36 -8.36
N ARG A 252 -19.18 -13.45 -8.13
CA ARG A 252 -20.10 -12.50 -8.73
C ARG A 252 -20.33 -11.26 -7.86
N LEU A 253 -20.04 -11.35 -6.56
CA LEU A 253 -20.05 -10.18 -5.70
C LEU A 253 -18.65 -9.67 -5.38
N LEU A 254 -17.61 -10.25 -5.99
CA LEU A 254 -16.24 -9.98 -5.53
C LEU A 254 -15.78 -8.58 -5.92
N TYR A 255 -15.90 -8.23 -7.20
CA TYR A 255 -15.49 -6.91 -7.66
C TYR A 255 -16.06 -5.82 -6.77
N ALA A 256 -17.34 -5.92 -6.44
CA ALA A 256 -17.98 -4.92 -5.60
C ALA A 256 -17.43 -4.93 -4.18
N LYS A 257 -17.08 -6.11 -3.65
CA LYS A 257 -16.48 -6.15 -2.33
C LYS A 257 -15.08 -5.54 -2.34
N MET A 258 -14.35 -5.76 -3.44
CA MET A 258 -13.02 -5.19 -3.59
C MET A 258 -13.10 -3.67 -3.67
N ILE A 259 -14.05 -3.15 -4.45
CA ILE A 259 -14.28 -1.70 -4.47
C ILE A 259 -14.57 -1.17 -3.07
N GLN A 260 -15.37 -1.91 -2.30
CA GLN A 260 -15.60 -1.52 -0.90
C GLN A 260 -14.29 -1.40 -0.12
N LYS A 261 -13.32 -2.29 -0.38
CA LYS A 261 -12.09 -2.25 0.38
C LYS A 261 -11.35 -0.94 0.15
N LEU A 262 -11.48 -0.36 -1.05
CA LEU A 262 -10.86 0.93 -1.30
C LEU A 262 -11.41 2.01 -0.37
N ALA A 263 -12.74 2.08 -0.24
CA ALA A 263 -13.31 3.14 0.60
C ALA A 263 -12.92 2.97 2.06
N ASP A 264 -12.71 1.72 2.49
CA ASP A 264 -12.14 1.50 3.82
C ASP A 264 -10.73 2.07 3.90
N LEU A 265 -9.96 1.95 2.82
CA LEU A 265 -8.58 2.42 2.80
C LEU A 265 -8.51 3.94 2.98
N ARG A 266 -9.37 4.69 2.28
CA ARG A 266 -9.48 6.14 2.46
C ARG A 266 -9.72 6.51 3.92
N SER A 267 -10.61 5.76 4.59
CA SER A 267 -10.92 6.03 5.99
C SER A 267 -9.76 5.64 6.90
N LEU A 268 -9.02 4.58 6.54
CA LEU A 268 -7.78 4.30 7.24
C LEU A 268 -6.76 5.38 6.97
N ASN A 269 -6.58 5.71 5.69
CA ASN A 269 -5.66 6.77 5.29
C ASN A 269 -5.87 8.02 6.12
N GLU A 270 -7.11 8.53 6.15
CA GLU A 270 -7.45 9.72 6.93
C GLU A 270 -7.01 9.60 8.38
N GLU A 271 -7.49 8.56 9.07
CA GLU A 271 -7.16 8.40 10.49
C GLU A 271 -5.66 8.28 10.68
N HIS A 272 -4.99 7.53 9.81
CA HIS A 272 -3.54 7.40 9.91
C HIS A 272 -2.85 8.74 9.68
N SER A 273 -3.36 9.54 8.74
CA SER A 273 -2.74 10.83 8.48
C SER A 273 -2.82 11.73 9.72
N LYS A 274 -3.93 11.66 10.44
CA LYS A 274 -4.06 12.43 11.68
C LYS A 274 -2.95 12.06 12.65
N GLN A 275 -2.82 10.77 12.95
CA GLN A 275 -1.89 10.31 13.98
C GLN A 275 -0.45 10.45 13.53
N TYR A 276 -0.20 10.39 12.22
CA TYR A 276 1.15 10.67 11.74
C TYR A 276 1.53 12.11 12.03
N ARG A 277 0.61 13.05 11.75
CA ARG A 277 0.85 14.46 12.04
C ARG A 277 1.25 14.67 13.50
N SER A 278 0.43 14.17 14.43
CA SER A 278 0.77 14.30 15.85
C SER A 278 2.17 13.77 16.13
N LEU A 279 2.53 12.65 15.51
CA LEU A 279 3.88 12.10 15.64
C LEU A 279 4.91 13.02 15.01
N SER A 280 4.72 13.31 13.73
CA SER A 280 5.68 14.11 12.96
C SER A 280 5.92 15.50 13.55
N PHE A 281 5.08 15.96 14.47
CA PHE A 281 5.21 17.29 15.06
C PHE A 281 6.02 17.26 16.34
N GLN A 282 6.46 16.08 16.76
CA GLN A 282 7.27 15.92 17.98
C GLN A 282 8.67 15.49 17.57
N PRO A 283 9.64 16.40 17.56
CA PRO A 283 10.99 16.08 17.05
C PRO A 283 11.60 14.84 17.63
N GLU A 284 11.43 14.59 18.94
CA GLU A 284 11.92 13.34 19.51
C GLU A 284 11.29 12.11 18.87
N HIS A 285 10.13 12.25 18.27
CA HIS A 285 9.60 11.10 17.56
C HIS A 285 9.93 11.15 16.08
N SER A 286 9.80 12.33 15.44
CA SER A 286 10.12 12.42 14.01
C SER A 286 11.57 12.11 13.72
N MET A 287 12.47 12.27 14.70
CA MET A 287 13.86 11.95 14.43
C MET A 287 14.07 10.45 14.27
N GLN A 288 13.15 9.64 14.79
CA GLN A 288 13.25 8.21 14.57
C GLN A 288 12.74 7.79 13.18
N LEU A 289 12.30 8.72 12.35
CA LEU A 289 11.79 8.33 11.05
C LEU A 289 12.92 8.38 10.03
N THR A 290 12.64 7.98 8.80
CA THR A 290 13.65 8.02 7.76
C THR A 290 13.43 9.20 6.84
N PRO A 291 14.46 9.63 6.11
CA PRO A 291 14.26 10.73 5.14
C PRO A 291 13.21 10.42 4.08
N LEU A 292 13.01 9.16 3.73
CA LEU A 292 12.02 8.84 2.72
C LEU A 292 10.61 8.96 3.29
N VAL A 293 10.43 8.50 4.53
CA VAL A 293 9.14 8.55 5.21
C VAL A 293 8.67 9.99 5.36
N LEU A 294 9.56 10.88 5.81
CA LEU A 294 9.16 12.28 5.95
C LEU A 294 8.89 12.92 4.61
N GLU A 295 9.62 12.52 3.56
CA GLU A 295 9.29 13.05 2.24
C GLU A 295 7.90 12.63 1.79
N VAL A 296 7.59 11.34 1.90
CA VAL A 296 6.36 10.79 1.30
C VAL A 296 5.12 11.16 2.12
N PHE A 297 5.21 11.04 3.46
CA PHE A 297 4.13 11.34 4.39
C PHE A 297 4.10 12.79 4.82
N GLY A 298 5.16 13.55 4.55
CA GLY A 298 5.20 14.97 4.84
C GLY A 298 4.31 15.74 3.87
N SER A 299 4.14 17.03 4.13
CA SER A 299 3.39 17.85 3.19
C SER A 299 4.21 18.95 2.51
N GLU A 300 5.16 18.60 1.65
CA GLU A 300 5.95 19.63 0.97
C GLU A 300 5.14 20.32 -0.12
N VAL A 301 4.31 19.54 -0.84
CA VAL A 301 3.57 19.89 -2.05
C VAL A 301 4.48 20.46 -3.15
N SER A 302 4.07 20.28 -4.41
CA SER A 302 4.83 20.77 -5.56
C SER A 302 4.18 22.03 -6.14
N LYS B 1 10.94 18.83 -1.06
CA LYS B 1 10.81 18.96 -2.53
C LYS B 1 10.99 17.58 -3.16
N HIS B 2 10.88 16.56 -2.36
CA HIS B 2 10.81 15.20 -2.94
C HIS B 2 12.06 14.91 -3.74
N LYS B 3 13.18 15.31 -3.17
CA LYS B 3 14.44 15.02 -3.84
C LYS B 3 14.66 13.52 -3.99
N ILE B 4 14.29 12.75 -2.97
CA ILE B 4 14.46 11.30 -3.00
C ILE B 4 13.46 10.64 -3.93
N LEU B 5 12.19 11.04 -3.88
CA LEU B 5 11.17 10.47 -4.76
C LEU B 5 11.56 10.63 -6.22
N HIS B 6 11.83 11.86 -6.64
CA HIS B 6 12.35 12.13 -7.98
C HIS B 6 13.45 11.15 -8.35
N ARG B 7 14.48 11.05 -7.50
CA ARG B 7 15.57 10.12 -7.76
C ARG B 7 15.04 8.69 -7.91
N LEU B 8 14.28 8.23 -6.92
CA LEU B 8 13.73 6.87 -7.00
C LEU B 8 12.85 6.66 -8.23
N LEU B 9 12.19 7.70 -8.72
CA LEU B 9 11.28 7.60 -9.85
C LEU B 9 11.98 7.60 -11.21
#